data_5BO7
#
_entry.id   5BO7
#
_cell.length_a   71.335
_cell.length_b   96.497
_cell.length_c   124.655
_cell.angle_alpha   90.000
_cell.angle_beta   90.000
_cell.angle_gamma   90.000
#
_symmetry.space_group_name_H-M   'P 21 21 21'
#
loop_
_entity.id
_entity.type
_entity.pdbx_description
1 polymer 'Sia-alpha-2,3-Gal-beta-1,4-GlcNAc-R:alpha 2,8-sialyltransferase'
2 branched 2-acetamido-2-deoxy-beta-D-glucopyranose-(1-4)-2-acetamido-2-deoxy-beta-D-glucopyranose
3 branched 2-acetamido-2-deoxy-beta-D-glucopyranose-(1-4)-[alpha-L-fucopyranose-(1-6)]2-acetamido-2-deoxy-beta-D-glucopyranose
4 non-polymer "CYTIDINE-5'-TRIPHOSPHATE"
5 non-polymer 2-acetamido-2-deoxy-beta-D-glucopyranose
6 water water
#
_entity_poly.entity_id   1
_entity_poly.type   'polypeptide(L)'
_entity_poly.pdbx_seq_one_letter_code
;APEHHHHHHDYDIPTTENLYFQGQELQEKPSKWKFNRTAFLHQRQEILQHVDVIKNFSLTKNSVRIGQLMHYDYSSHKYV
FSISNNFRSLLPDVSPIMNKHYNICAVVGNSGILTGSQCGQEIDKSDFVFRCNFAPTEAFQRDVGRKTNLTTFNPSILEK
YYNNLLTIQDRNNFFLSLKKLDGAILWIPAFFFHTSATVTRTLVDFFVEHRGQLKVQLAWPGNIMQHVNRYWKNKHLSPK
RLSTGILMYTLASAICEEIHLYGFWPFGFDPNTREDLPYHYYDKKGTKFTTKWQESHQLPAEFQLLYRMHGEGLTKLTLS
HCA
;
_entity_poly.pdbx_strand_id   A,B
#
# COMPACT_ATOMS: atom_id res chain seq x y z
N LYS A 32 44.69 15.37 19.33
CA LYS A 32 45.18 13.95 19.31
C LYS A 32 45.03 13.32 17.87
N TRP A 33 43.79 13.16 17.41
CA TRP A 33 43.51 12.67 16.05
C TRP A 33 43.97 13.70 15.06
N LYS A 34 44.57 13.28 13.97
CA LYS A 34 44.97 14.17 12.92
C LYS A 34 44.53 13.71 11.53
N PHE A 35 43.84 14.59 10.77
CA PHE A 35 43.29 14.23 9.49
C PHE A 35 44.42 13.90 8.48
N ASN A 36 44.28 12.84 7.72
CA ASN A 36 45.20 12.56 6.67
C ASN A 36 44.47 12.68 5.37
N ARG A 37 44.50 13.91 4.82
CA ARG A 37 43.69 14.22 3.61
C ARG A 37 44.09 13.36 2.46
N THR A 38 45.42 13.15 2.28
CA THR A 38 45.81 12.36 1.10
C THR A 38 45.35 10.91 1.17
N ALA A 39 45.39 10.32 2.36
CA ALA A 39 44.90 8.96 2.52
C ALA A 39 43.39 8.90 2.35
N PHE A 40 42.69 9.93 2.83
CA PHE A 40 41.21 9.97 2.64
C PHE A 40 40.82 10.08 1.19
N LEU A 41 41.50 10.97 0.48
CA LEU A 41 41.22 11.09 -0.96
C LEU A 41 41.56 9.83 -1.80
N HIS A 42 42.53 9.06 -1.35
CA HIS A 42 42.84 7.74 -1.93
C HIS A 42 41.69 6.82 -1.69
N GLN A 43 41.14 6.89 -0.47
CA GLN A 43 39.94 6.09 -0.19
C GLN A 43 38.78 6.51 -1.07
N ARG A 44 38.54 7.82 -1.18
CA ARG A 44 37.51 8.25 -2.12
C ARG A 44 37.67 7.65 -3.51
N GLN A 45 38.90 7.72 -4.06
CA GLN A 45 39.15 7.18 -5.40
C GLN A 45 38.84 5.69 -5.40
N GLU A 46 39.25 4.94 -4.38
CA GLU A 46 38.98 3.49 -4.39
C GLU A 46 37.53 3.14 -4.35
N ILE A 47 36.77 3.89 -3.52
CA ILE A 47 35.33 3.73 -3.51
C ILE A 47 34.75 4.00 -4.91
N LEU A 48 35.20 5.09 -5.54
CA LEU A 48 34.65 5.50 -6.84
C LEU A 48 35.00 4.48 -7.97
N GLN A 49 36.06 3.71 -7.80
CA GLN A 49 36.35 2.57 -8.69
C GLN A 49 35.29 1.49 -8.63
N HIS A 50 34.58 1.35 -7.51
CA HIS A 50 33.55 0.31 -7.39
C HIS A 50 32.16 0.79 -7.41
N VAL A 51 31.94 2.03 -7.01
CA VAL A 51 30.59 2.56 -6.87
C VAL A 51 30.57 3.94 -7.55
N ASP A 52 29.72 4.12 -8.56
CA ASP A 52 29.49 5.45 -9.14
C ASP A 52 28.51 6.16 -8.21
N VAL A 53 29.07 6.84 -7.22
CA VAL A 53 28.28 7.38 -6.13
C VAL A 53 27.28 8.43 -6.59
N ILE A 54 27.68 9.29 -7.50
CA ILE A 54 26.79 10.36 -7.96
C ILE A 54 25.58 9.74 -8.66
N LYS A 55 25.80 8.73 -9.50
CA LYS A 55 24.68 8.01 -10.18
C LYS A 55 23.92 7.13 -9.19
N ASN A 56 24.60 6.33 -8.41
CA ASN A 56 23.93 5.38 -7.47
C ASN A 56 23.14 6.09 -6.35
N PHE A 57 23.48 7.35 -6.07
CA PHE A 57 22.73 8.13 -5.11
C PHE A 57 21.21 8.14 -5.30
N SER A 58 20.77 8.23 -6.56
CA SER A 58 19.33 8.20 -6.88
C SER A 58 19.10 7.83 -8.32
N LEU A 59 18.00 7.12 -8.55
CA LEU A 59 17.44 6.99 -9.88
C LEU A 59 17.01 8.40 -10.33
N THR A 60 17.04 8.65 -11.63
CA THR A 60 16.61 9.89 -12.20
C THR A 60 15.50 9.62 -13.22
N LYS A 61 14.79 10.63 -13.60
CA LYS A 61 13.62 10.42 -14.48
C LYS A 61 14.01 9.73 -15.78
N ASN A 62 15.12 10.18 -16.35
CA ASN A 62 15.55 9.65 -17.66
C ASN A 62 16.24 8.31 -17.51
N SER A 63 16.49 7.81 -16.32
CA SER A 63 17.02 6.49 -16.21
C SER A 63 16.00 5.40 -15.95
N VAL A 64 14.70 5.74 -15.79
CA VAL A 64 13.72 4.73 -15.49
C VAL A 64 12.58 4.88 -16.52
N ARG A 65 12.00 3.76 -16.85
CA ARG A 65 10.86 3.72 -17.77
C ARG A 65 9.65 3.56 -16.93
N ILE A 66 8.56 4.18 -17.36
CA ILE A 66 7.31 3.89 -16.73
C ILE A 66 6.98 2.44 -16.95
N GLY A 67 6.54 1.74 -15.93
CA GLY A 67 6.32 0.29 -16.03
C GLY A 67 7.53 -0.64 -15.80
N GLN A 68 8.70 -0.05 -15.55
CA GLN A 68 9.88 -0.88 -15.35
C GLN A 68 9.66 -1.68 -14.10
N LEU A 69 10.11 -2.93 -14.08
CA LEU A 69 9.97 -3.77 -12.93
C LEU A 69 11.25 -3.79 -12.11
N MET A 70 11.15 -3.45 -10.84
CA MET A 70 12.27 -3.47 -9.93
C MET A 70 12.22 -4.74 -9.12
N HIS A 71 13.41 -5.22 -8.73
CA HIS A 71 13.60 -6.30 -7.74
C HIS A 71 14.21 -5.69 -6.51
N TYR A 72 14.37 -6.49 -5.44
CA TYR A 72 14.81 -5.98 -4.14
C TYR A 72 16.19 -6.48 -3.77
N ASP A 73 17.07 -5.61 -3.26
CA ASP A 73 18.44 -5.99 -3.01
C ASP A 73 18.55 -7.09 -1.98
N TYR A 74 17.67 -7.09 -0.99
CA TYR A 74 17.76 -8.03 0.13
C TYR A 74 16.61 -8.98 0.29
N SER A 75 15.80 -9.21 -0.73
CA SER A 75 14.72 -10.19 -0.59
C SER A 75 14.86 -11.20 -1.75
N SER A 76 14.09 -12.30 -1.72
CA SER A 76 14.07 -13.21 -2.88
C SER A 76 13.82 -12.46 -4.16
N HIS A 77 14.38 -12.99 -5.25
CA HIS A 77 14.20 -12.41 -6.57
C HIS A 77 12.74 -12.40 -7.02
N LYS A 78 11.88 -13.29 -6.47
CA LYS A 78 10.47 -13.34 -6.92
C LYS A 78 9.67 -11.99 -6.64
N TYR A 79 10.09 -11.20 -5.64
CA TYR A 79 9.36 -9.98 -5.28
C TYR A 79 9.71 -8.89 -6.31
N VAL A 80 8.68 -8.27 -6.87
CA VAL A 80 8.89 -7.22 -7.82
C VAL A 80 8.00 -6.01 -7.52
N PHE A 81 8.34 -4.89 -8.15
CA PHE A 81 7.62 -3.69 -7.95
C PHE A 81 7.65 -2.90 -9.25
N SER A 82 6.50 -2.57 -9.80
CA SER A 82 6.40 -1.84 -11.07
C SER A 82 6.43 -0.32 -10.82
N ILE A 83 7.29 0.40 -11.52
CA ILE A 83 7.42 1.86 -11.37
C ILE A 83 6.33 2.57 -12.15
N SER A 84 5.49 3.30 -11.46
CA SER A 84 4.41 4.00 -12.11
C SER A 84 4.85 5.32 -12.64
N ASN A 85 3.96 5.92 -13.43
CA ASN A 85 4.09 7.29 -13.83
C ASN A 85 4.30 8.24 -12.69
N ASN A 86 3.53 8.04 -11.64
CA ASN A 86 3.63 8.90 -10.47
C ASN A 86 4.97 8.74 -9.71
N PHE A 87 5.45 7.53 -9.62
CA PHE A 87 6.74 7.29 -8.97
C PHE A 87 7.79 8.04 -9.78
N ARG A 88 7.83 7.77 -11.08
CA ARG A 88 8.80 8.45 -11.98
C ARG A 88 8.75 10.00 -11.78
N SER A 89 7.55 10.56 -11.65
CA SER A 89 7.36 12.02 -11.50
C SER A 89 8.01 12.58 -10.24
N LEU A 90 8.33 11.72 -9.26
CA LEU A 90 9.00 12.12 -8.05
C LEU A 90 10.54 12.01 -8.12
N LEU A 91 11.06 11.40 -9.17
CA LEU A 91 12.49 11.22 -9.32
C LEU A 91 13.09 12.52 -9.70
N PRO A 92 14.33 12.78 -9.23
CA PRO A 92 15.01 14.03 -9.67
C PRO A 92 15.42 13.91 -11.13
N ASP A 93 15.57 15.07 -11.78
CA ASP A 93 16.07 15.14 -13.17
C ASP A 93 17.54 14.79 -13.27
N VAL A 94 18.29 15.30 -12.30
CA VAL A 94 19.72 15.04 -12.22
C VAL A 94 20.04 14.58 -10.78
N SER A 95 21.18 13.94 -10.60
CA SER A 95 21.54 13.53 -9.24
C SER A 95 21.54 14.72 -8.31
N PRO A 96 20.93 14.60 -7.15
CA PRO A 96 20.91 15.74 -6.20
C PRO A 96 22.27 16.07 -5.64
N ILE A 97 23.27 15.23 -5.84
CA ILE A 97 24.65 15.50 -5.43
C ILE A 97 25.61 15.73 -6.59
N MET A 98 25.04 15.92 -7.79
CA MET A 98 25.89 16.30 -8.96
C MET A 98 26.51 17.68 -8.67
N ASN A 99 27.82 17.78 -8.80
CA ASN A 99 28.60 19.01 -8.62
C ASN A 99 28.39 19.69 -7.27
N LYS A 100 28.09 18.91 -6.26
CA LYS A 100 27.95 19.40 -4.93
C LYS A 100 29.20 19.03 -4.14
N HIS A 101 29.64 19.91 -3.23
CA HIS A 101 30.86 19.70 -2.49
C HIS A 101 30.72 20.30 -1.14
N TYR A 102 31.05 19.53 -0.09
CA TYR A 102 30.91 20.05 1.25
C TYR A 102 32.24 19.81 1.92
N ASN A 103 32.75 20.79 2.63
CA ASN A 103 34.10 20.67 3.20
C ASN A 103 34.06 19.69 4.41
N ILE A 104 33.34 20.06 5.47
CA ILE A 104 33.23 19.20 6.68
C ILE A 104 31.85 18.59 6.76
N CYS A 105 31.81 17.27 6.70
CA CYS A 105 30.57 16.53 6.84
C CYS A 105 30.49 15.79 8.18
N ALA A 106 29.32 15.79 8.78
CA ALA A 106 29.04 14.88 9.88
C ALA A 106 28.14 13.77 9.40
N VAL A 107 28.47 12.56 9.75
CA VAL A 107 27.59 11.44 9.58
C VAL A 107 27.20 10.92 10.98
N VAL A 108 25.90 11.01 11.30
CA VAL A 108 25.43 10.78 12.60
C VAL A 108 24.70 9.43 12.58
N GLY A 109 25.35 8.46 13.16
CA GLY A 109 24.71 7.23 13.53
C GLY A 109 23.86 7.40 14.79
N ASN A 110 23.22 6.31 15.22
CA ASN A 110 22.19 6.44 16.31
C ASN A 110 22.55 5.88 17.64
N SER A 111 23.85 5.57 17.85
CA SER A 111 24.28 4.97 19.09
C SER A 111 23.94 5.78 20.36
N GLY A 112 23.65 5.04 21.44
CA GLY A 112 23.55 5.61 22.78
C GLY A 112 24.73 6.35 23.30
N ILE A 113 25.89 6.19 22.64
CA ILE A 113 27.05 6.95 23.08
C ILE A 113 26.79 8.46 22.99
N LEU A 114 25.89 8.90 22.09
CA LEU A 114 25.61 10.32 21.96
C LEU A 114 24.85 10.96 23.15
N THR A 115 24.15 10.17 23.95
CA THR A 115 23.38 10.74 25.07
C THR A 115 24.30 11.37 26.05
N GLY A 116 24.04 12.63 26.39
CA GLY A 116 24.94 13.35 27.31
C GLY A 116 26.22 13.86 26.68
N SER A 117 26.46 13.66 25.36
CA SER A 117 27.73 13.99 24.77
C SER A 117 27.87 15.52 24.56
N GLN A 118 26.74 16.19 24.42
CA GLN A 118 26.71 17.62 24.11
C GLN A 118 27.44 17.94 22.81
N CYS A 119 27.32 17.01 21.82
CA CYS A 119 27.91 17.16 20.54
C CYS A 119 27.08 17.96 19.56
N GLY A 120 25.91 18.47 19.96
CA GLY A 120 25.02 19.12 19.01
C GLY A 120 25.61 20.36 18.32
N GLN A 121 26.29 21.22 19.08
CA GLN A 121 26.87 22.42 18.46
C GLN A 121 27.95 22.03 17.45
N GLU A 122 28.77 21.06 17.79
CA GLU A 122 29.88 20.73 16.93
C GLU A 122 29.36 20.05 15.64
N ILE A 123 28.40 19.12 15.79
CA ILE A 123 27.72 18.51 14.65
C ILE A 123 27.17 19.60 13.75
N ASP A 124 26.53 20.59 14.33
CA ASP A 124 25.83 21.61 13.55
C ASP A 124 26.75 22.62 12.87
N LYS A 125 27.96 22.72 13.32
CA LYS A 125 28.98 23.48 12.62
C LYS A 125 29.43 22.87 11.31
N SER A 126 29.15 21.59 11.07
CA SER A 126 29.48 20.94 9.81
C SER A 126 28.83 21.63 8.64
N ASP A 127 29.47 21.57 7.50
CA ASP A 127 28.82 22.06 6.28
C ASP A 127 27.60 21.22 5.87
N PHE A 128 27.62 19.93 6.18
CA PHE A 128 26.55 19.03 5.73
C PHE A 128 26.43 17.91 6.76
N VAL A 129 25.21 17.63 7.18
CA VAL A 129 24.95 16.61 8.18
C VAL A 129 24.03 15.53 7.59
N PHE A 130 24.48 14.28 7.70
CA PHE A 130 23.75 13.10 7.30
C PHE A 130 23.22 12.44 8.56
N ARG A 131 21.95 12.09 8.54
CA ARG A 131 21.29 11.33 9.62
C ARG A 131 20.67 10.05 9.08
N CYS A 132 20.39 9.11 9.98
CA CYS A 132 20.01 7.74 9.62
C CYS A 132 18.59 7.43 10.15
N ASN A 133 17.80 6.85 9.25
CA ASN A 133 16.52 6.31 9.54
C ASN A 133 15.59 7.33 10.20
N PHE A 134 15.57 8.56 9.72
CA PHE A 134 14.59 9.53 10.18
C PHE A 134 14.60 9.66 11.69
N ALA A 135 15.80 9.59 12.29
CA ALA A 135 15.94 9.51 13.74
C ALA A 135 15.44 10.85 14.35
N PRO A 136 14.90 10.77 15.51
CA PRO A 136 14.43 11.99 16.21
C PRO A 136 15.50 12.91 16.72
N THR A 137 15.30 14.20 16.53
CA THR A 137 16.21 15.20 17.05
C THR A 137 15.52 16.09 18.17
N GLU A 138 14.20 16.06 18.26
CA GLU A 138 13.51 17.14 18.94
C GLU A 138 13.92 17.23 20.44
N ALA A 139 13.78 16.12 21.14
CA ALA A 139 14.21 16.15 22.54
C ALA A 139 15.75 16.01 22.77
N PHE A 140 16.54 16.00 21.70
CA PHE A 140 17.93 15.52 21.77
C PHE A 140 18.95 16.46 21.13
N GLN A 141 18.54 17.67 20.76
CA GLN A 141 19.39 18.51 19.92
C GLN A 141 20.69 18.90 20.61
N ARG A 142 20.69 19.01 21.95
CA ARG A 142 21.90 19.35 22.62
C ARG A 142 23.00 18.31 22.39
N ASP A 143 22.60 17.08 22.22
CA ASP A 143 23.50 15.97 21.98
C ASP A 143 23.74 15.68 20.49
N VAL A 144 22.72 15.81 19.62
CA VAL A 144 22.83 15.39 18.26
C VAL A 144 22.68 16.48 17.22
N GLY A 145 22.31 17.68 17.66
CA GLY A 145 22.16 18.80 16.78
C GLY A 145 20.80 18.94 16.21
N ARG A 146 20.63 20.06 15.54
CA ARG A 146 19.43 20.39 14.82
C ARG A 146 19.65 20.44 13.28
N LYS A 147 20.88 20.47 12.77
CA LYS A 147 21.06 20.57 11.35
C LYS A 147 20.85 19.22 10.69
N THR A 148 20.08 19.17 9.62
CA THR A 148 19.92 17.96 8.84
C THR A 148 19.95 18.32 7.37
N ASN A 149 20.89 17.76 6.60
CA ASN A 149 20.96 17.94 5.18
C ASN A 149 20.57 16.71 4.38
N LEU A 150 20.60 15.57 5.01
CA LEU A 150 20.09 14.35 4.45
C LEU A 150 19.63 13.46 5.60
N THR A 151 18.51 12.76 5.42
CA THR A 151 18.13 11.73 6.36
C THR A 151 17.61 10.58 5.58
N THR A 152 17.89 9.36 6.04
CA THR A 152 17.41 8.15 5.29
C THR A 152 15.98 7.78 5.77
N PHE A 153 15.23 7.13 4.92
CA PHE A 153 13.82 6.92 5.18
C PHE A 153 13.37 5.62 4.52
N ASN A 154 13.38 4.55 5.26
CA ASN A 154 12.75 3.32 4.74
C ASN A 154 11.23 3.54 4.70
N PRO A 155 10.60 3.23 3.55
CA PRO A 155 9.15 3.47 3.50
C PRO A 155 8.36 2.85 4.62
N SER A 156 8.85 1.79 5.21
CA SER A 156 8.13 1.14 6.34
C SER A 156 7.97 2.01 7.60
N ILE A 157 8.65 3.12 7.64
CA ILE A 157 8.38 4.19 8.67
C ILE A 157 6.95 4.58 8.67
N LEU A 158 6.30 4.61 7.48
CA LEU A 158 4.94 4.96 7.46
C LEU A 158 4.04 3.98 8.21
N GLU A 159 4.34 2.68 8.10
CA GLU A 159 3.63 1.64 8.81
C GLU A 159 3.88 1.69 10.29
N LYS A 160 5.10 1.92 10.66
CA LYS A 160 5.50 1.80 12.04
C LYS A 160 5.05 3.05 12.83
N TYR A 161 5.22 4.22 12.26
CA TYR A 161 5.03 5.44 13.04
C TYR A 161 3.94 6.35 12.54
N TYR A 162 3.37 6.11 11.36
CA TYR A 162 2.38 7.01 10.79
C TYR A 162 1.11 6.33 10.37
N ASN A 163 0.87 5.15 10.90
CA ASN A 163 -0.39 4.41 10.71
C ASN A 163 -0.82 4.32 9.21
N ASN A 164 0.17 4.17 8.34
CA ASN A 164 -0.06 4.10 6.90
C ASN A 164 -0.78 5.28 6.31
N LEU A 165 -0.63 6.43 6.93
CA LEU A 165 -1.31 7.67 6.45
C LEU A 165 -2.78 7.47 6.21
N LEU A 166 -3.41 6.71 7.12
CA LEU A 166 -4.84 6.38 7.01
C LEU A 166 -5.77 7.50 7.38
N THR A 167 -5.38 8.34 8.37
CA THR A 167 -6.27 9.34 8.92
C THR A 167 -5.75 10.73 8.67
N ILE A 168 -6.62 11.71 8.85
CA ILE A 168 -6.24 13.10 8.71
C ILE A 168 -5.08 13.44 9.67
N GLN A 169 -5.19 12.97 10.91
CA GLN A 169 -4.16 13.27 11.95
C GLN A 169 -2.81 12.64 11.51
N ASP A 170 -2.82 11.40 11.05
CA ASP A 170 -1.57 10.77 10.56
C ASP A 170 -0.94 11.57 9.43
N ARG A 171 -1.78 11.96 8.46
CA ARG A 171 -1.33 12.72 7.26
C ARG A 171 -0.70 14.05 7.73
N ASN A 172 -1.39 14.70 8.65
CA ASN A 172 -0.85 15.96 9.21
C ASN A 172 0.47 15.77 9.97
N ASN A 173 0.56 14.73 10.78
CA ASN A 173 1.78 14.48 11.53
C ASN A 173 2.92 14.21 10.56
N PHE A 174 2.68 13.43 9.49
CA PHE A 174 3.73 13.16 8.52
C PHE A 174 4.14 14.43 7.77
N PHE A 175 3.15 15.22 7.37
CA PHE A 175 3.42 16.47 6.69
C PHE A 175 4.30 17.40 7.54
N LEU A 176 3.96 17.52 8.81
CA LEU A 176 4.73 18.35 9.76
C LEU A 176 6.18 17.83 9.93
N SER A 177 6.36 16.50 10.00
CA SER A 177 7.69 15.92 10.06
C SER A 177 8.50 16.30 8.86
N LEU A 178 7.88 16.27 7.70
CA LEU A 178 8.57 16.64 6.46
C LEU A 178 8.89 18.10 6.37
N LYS A 179 7.95 18.93 6.81
CA LYS A 179 8.17 20.37 6.72
C LYS A 179 9.38 20.80 7.55
N LYS A 180 9.58 20.15 8.70
CA LYS A 180 10.69 20.45 9.59
C LYS A 180 12.03 20.17 8.93
N LEU A 181 12.08 19.33 7.91
CA LEU A 181 13.33 19.03 7.22
C LEU A 181 13.72 20.12 6.24
N ASP A 182 12.82 21.05 5.94
CA ASP A 182 13.04 22.13 5.01
C ASP A 182 13.55 21.63 3.67
N GLY A 183 14.72 22.09 3.19
CA GLY A 183 15.28 21.64 1.90
C GLY A 183 16.21 20.44 1.95
N ALA A 184 16.23 19.68 3.05
CA ALA A 184 17.10 18.52 3.14
C ALA A 184 16.74 17.48 2.09
N ILE A 185 17.66 16.55 1.86
CA ILE A 185 17.38 15.37 1.09
C ILE A 185 16.76 14.27 1.93
N LEU A 186 15.63 13.72 1.45
CA LEU A 186 15.02 12.57 2.04
C LEU A 186 15.42 11.37 1.13
N TRP A 187 16.27 10.48 1.65
CA TRP A 187 16.97 9.45 0.85
C TRP A 187 16.21 8.16 1.16
N ILE A 188 15.36 7.76 0.19
CA ILE A 188 14.38 6.71 0.40
C ILE A 188 14.80 5.46 -0.39
N PRO A 189 15.23 4.43 0.30
CA PRO A 189 15.58 3.19 -0.44
C PRO A 189 14.38 2.25 -0.42
N ALA A 190 13.59 2.36 -1.48
CA ALA A 190 12.40 1.59 -1.61
C ALA A 190 12.66 0.21 -2.14
N PHE A 191 13.85 -0.07 -2.62
CA PHE A 191 14.10 -1.37 -3.27
C PHE A 191 15.17 -2.22 -2.54
N PHE A 192 15.29 -2.02 -1.25
CA PHE A 192 16.10 -2.92 -0.42
C PHE A 192 15.28 -4.15 0.08
N PHE A 193 14.16 -3.91 0.74
CA PHE A 193 13.35 -4.92 1.42
C PHE A 193 11.96 -4.98 0.78
N HIS A 194 11.54 -6.16 0.37
CA HIS A 194 10.25 -6.36 -0.28
C HIS A 194 9.07 -5.96 0.59
N THR A 195 9.28 -5.95 1.88
CA THR A 195 8.29 -5.43 2.80
C THR A 195 8.01 -3.93 2.62
N SER A 196 8.83 -3.20 1.87
CA SER A 196 8.55 -1.80 1.52
C SER A 196 7.42 -1.67 0.46
N ALA A 197 7.08 -2.70 -0.31
CA ALA A 197 6.28 -2.57 -1.53
C ALA A 197 4.91 -1.84 -1.36
N THR A 198 4.06 -2.33 -0.48
CA THR A 198 2.71 -1.75 -0.46
C THR A 198 2.69 -0.36 0.11
N VAL A 199 3.54 -0.13 1.14
CA VAL A 199 3.66 1.18 1.74
C VAL A 199 4.36 2.20 0.84
N THR A 200 5.20 1.71 -0.07
CA THR A 200 5.76 2.62 -1.10
C THR A 200 4.68 3.32 -1.95
N ARG A 201 3.61 2.60 -2.32
CA ARG A 201 2.56 3.24 -3.10
C ARG A 201 1.87 4.34 -2.27
N THR A 202 1.68 4.10 -0.99
CA THR A 202 1.09 5.12 -0.11
C THR A 202 1.98 6.38 -0.01
N LEU A 203 3.30 6.15 0.12
CA LEU A 203 4.29 7.26 0.22
C LEU A 203 4.29 8.07 -1.08
N VAL A 204 4.37 7.37 -2.22
CA VAL A 204 4.37 8.01 -3.55
C VAL A 204 3.11 8.87 -3.67
N ASP A 205 1.97 8.27 -3.36
CA ASP A 205 0.70 8.95 -3.59
C ASP A 205 0.64 10.21 -2.69
N PHE A 206 1.14 10.08 -1.44
CA PHE A 206 1.24 11.28 -0.56
C PHE A 206 2.06 12.38 -1.16
N PHE A 207 3.22 12.03 -1.69
CA PHE A 207 4.05 13.06 -2.26
C PHE A 207 3.46 13.70 -3.53
N VAL A 208 2.84 12.90 -4.41
CA VAL A 208 2.18 13.45 -5.61
C VAL A 208 1.08 14.38 -5.22
N GLU A 209 0.32 13.96 -4.22
CA GLU A 209 -0.81 14.79 -3.73
C GLU A 209 -0.32 16.14 -3.24
N HIS A 210 0.83 16.17 -2.58
CA HIS A 210 1.36 17.37 -1.95
C HIS A 210 2.43 18.07 -2.80
N ARG A 211 2.49 17.76 -4.07
CA ARG A 211 3.58 18.20 -4.95
C ARG A 211 3.70 19.71 -4.83
N GLY A 212 4.90 20.18 -4.64
CA GLY A 212 5.11 21.63 -4.52
C GLY A 212 4.78 22.25 -3.17
N GLN A 213 4.22 21.51 -2.21
CA GLN A 213 3.96 22.06 -0.90
C GLN A 213 5.19 21.92 0.06
N LEU A 214 6.16 21.08 -0.28
CA LEU A 214 7.29 20.84 0.63
C LEU A 214 8.53 21.17 -0.12
N LYS A 215 9.56 21.58 0.61
CA LYS A 215 10.86 21.86 0.02
C LYS A 215 11.82 20.70 0.07
N VAL A 216 11.41 19.60 0.68
CA VAL A 216 12.28 18.42 0.81
C VAL A 216 12.67 17.91 -0.56
N GLN A 217 13.93 17.50 -0.70
CA GLN A 217 14.38 16.97 -1.92
C GLN A 217 14.33 15.46 -1.84
N LEU A 218 13.58 14.85 -2.75
CA LEU A 218 13.42 13.36 -2.73
C LEU A 218 14.51 12.72 -3.52
N ALA A 219 15.13 11.66 -2.95
CA ALA A 219 16.08 10.87 -3.63
C ALA A 219 15.73 9.41 -3.44
N TRP A 220 15.88 8.62 -4.51
CA TRP A 220 15.38 7.27 -4.57
C TRP A 220 16.41 6.36 -5.19
N PRO A 221 17.27 5.81 -4.34
CA PRO A 221 18.29 4.84 -4.87
C PRO A 221 17.65 3.63 -5.38
N GLY A 222 18.22 3.09 -6.42
CA GLY A 222 17.83 1.82 -6.96
C GLY A 222 18.59 0.66 -6.38
N ASN A 223 18.95 -0.28 -7.22
CA ASN A 223 19.61 -1.51 -6.77
C ASN A 223 21.12 -1.28 -6.72
N ILE A 224 21.58 -0.76 -5.62
CA ILE A 224 22.97 -0.31 -5.54
C ILE A 224 23.83 -1.16 -4.60
N MET A 225 23.23 -2.00 -3.77
CA MET A 225 24.01 -2.63 -2.71
C MET A 225 25.04 -3.64 -3.19
N GLN A 226 24.81 -4.28 -4.34
CA GLN A 226 25.88 -5.14 -5.00
C GLN A 226 27.18 -4.32 -5.29
N HIS A 227 27.02 -3.04 -5.69
CA HIS A 227 28.16 -2.21 -6.01
C HIS A 227 28.86 -1.77 -4.72
N VAL A 228 28.07 -1.30 -3.76
CA VAL A 228 28.62 -0.85 -2.52
C VAL A 228 29.27 -2.01 -1.78
N ASN A 229 28.65 -3.19 -1.78
CA ASN A 229 29.26 -4.33 -1.05
C ASN A 229 30.66 -4.69 -1.59
N ARG A 230 30.93 -4.41 -2.87
CA ARG A 230 32.18 -4.81 -3.53
C ARG A 230 33.33 -3.99 -2.98
N TYR A 231 33.14 -2.71 -2.77
CA TYR A 231 34.22 -1.93 -2.13
C TYR A 231 34.57 -2.57 -0.76
N TRP A 232 33.57 -2.81 0.08
CA TRP A 232 33.82 -3.17 1.48
C TRP A 232 34.31 -4.60 1.62
N LYS A 233 33.87 -5.45 0.73
CA LYS A 233 34.39 -6.84 0.65
C LYS A 233 35.88 -6.87 0.48
N ASN A 234 36.42 -5.97 -0.34
CA ASN A 234 37.88 -5.90 -0.49
C ASN A 234 38.63 -5.43 0.72
N LYS A 235 37.95 -4.73 1.63
CA LYS A 235 38.49 -4.34 2.90
C LYS A 235 38.21 -5.34 3.96
N HIS A 236 37.74 -6.53 3.57
CA HIS A 236 37.50 -7.69 4.48
C HIS A 236 36.37 -7.48 5.45
N LEU A 237 35.39 -6.69 5.02
CA LEU A 237 34.13 -6.50 5.68
C LEU A 237 33.07 -7.14 4.75
N SER A 238 32.59 -8.33 5.07
CA SER A 238 31.47 -8.92 4.29
C SER A 238 30.34 -9.50 5.14
N PRO A 239 29.61 -8.62 5.84
CA PRO A 239 28.38 -9.06 6.49
C PRO A 239 27.29 -9.48 5.50
N LYS A 240 26.20 -10.07 6.00
CA LYS A 240 25.06 -10.32 5.08
C LYS A 240 24.56 -8.96 4.56
N ARG A 241 24.57 -7.93 5.42
CA ARG A 241 24.07 -6.62 5.04
C ARG A 241 24.94 -5.54 5.71
N LEU A 242 25.36 -4.55 4.95
CA LEU A 242 25.99 -3.37 5.52
C LEU A 242 24.99 -2.49 6.20
N SER A 243 25.38 -1.82 7.25
CA SER A 243 24.47 -0.95 7.97
C SER A 243 24.24 0.35 7.27
N THR A 244 23.12 1.05 7.61
CA THR A 244 22.88 2.31 7.02
C THR A 244 24.03 3.30 7.27
N GLY A 245 24.61 3.25 8.47
CA GLY A 245 25.69 4.18 8.80
C GLY A 245 26.87 4.07 7.84
N ILE A 246 27.30 2.85 7.56
CA ILE A 246 28.44 2.68 6.66
C ILE A 246 28.07 2.97 5.20
N LEU A 247 26.80 2.73 4.84
CA LEU A 247 26.31 3.17 3.54
C LEU A 247 26.42 4.67 3.42
N MET A 248 26.01 5.41 4.47
CA MET A 248 26.15 6.89 4.42
C MET A 248 27.62 7.33 4.34
N TYR A 249 28.49 6.67 5.10
CA TYR A 249 29.96 6.98 4.94
C TYR A 249 30.39 6.86 3.49
N THR A 250 29.97 5.77 2.86
CA THR A 250 30.28 5.50 1.50
C THR A 250 29.84 6.60 0.55
N LEU A 251 28.60 7.05 0.70
CA LEU A 251 28.11 8.17 -0.11
C LEU A 251 28.81 9.48 0.17
N ALA A 252 28.98 9.75 1.44
CA ALA A 252 29.64 10.97 1.92
C ALA A 252 31.05 11.09 1.35
N SER A 253 31.73 9.96 1.16
CA SER A 253 33.15 9.98 0.72
C SER A 253 33.29 10.70 -0.60
N ALA A 254 32.27 10.63 -1.44
CA ALA A 254 32.38 11.23 -2.75
C ALA A 254 32.26 12.75 -2.76
N ILE A 255 31.53 13.31 -1.81
CA ILE A 255 31.17 14.71 -1.84
C ILE A 255 31.64 15.54 -0.64
N CYS A 256 32.23 14.92 0.33
CA CYS A 256 32.76 15.57 1.48
C CYS A 256 34.25 15.58 1.45
N GLU A 257 34.87 16.68 1.86
CA GLU A 257 36.34 16.73 1.96
C GLU A 257 36.89 16.07 3.21
N GLU A 258 36.06 16.01 4.25
CA GLU A 258 36.49 15.50 5.57
C GLU A 258 35.26 15.06 6.29
N ILE A 259 35.27 13.81 6.75
CA ILE A 259 34.12 13.20 7.37
C ILE A 259 34.37 12.98 8.84
N HIS A 260 33.43 13.48 9.69
CA HIS A 260 33.43 13.21 11.08
C HIS A 260 32.23 12.38 11.47
N LEU A 261 32.46 11.25 12.11
CA LEU A 261 31.45 10.31 12.50
C LEU A 261 31.03 10.58 13.98
N TYR A 262 29.74 10.49 14.24
CA TYR A 262 29.21 10.58 15.62
C TYR A 262 28.18 9.48 15.73
N GLY A 263 28.01 8.94 16.93
CA GLY A 263 26.98 7.89 17.11
C GLY A 263 27.25 6.55 16.45
N PHE A 264 28.52 6.22 16.17
CA PHE A 264 28.92 4.91 15.72
C PHE A 264 29.64 4.25 16.90
N TRP A 265 28.94 3.34 17.57
CA TRP A 265 29.46 2.67 18.79
C TRP A 265 28.45 1.58 19.11
N PRO A 266 28.64 0.39 18.53
CA PRO A 266 27.66 -0.66 18.66
C PRO A 266 27.83 -1.53 19.92
N PHE A 267 27.99 -0.91 21.09
CA PHE A 267 28.27 -1.59 22.35
C PHE A 267 27.47 -0.97 23.45
N GLY A 268 27.23 -1.78 24.48
CA GLY A 268 26.38 -1.45 25.58
C GLY A 268 27.05 -0.82 26.78
N PHE A 269 28.25 -0.28 26.62
CA PHE A 269 28.93 0.42 27.70
C PHE A 269 29.65 1.62 27.08
N ASP A 270 29.79 2.65 27.88
CA ASP A 270 30.56 3.83 27.44
C ASP A 270 32.09 3.49 27.60
N PRO A 271 32.87 3.75 26.51
CA PRO A 271 34.30 3.41 26.59
C PRO A 271 35.11 4.19 27.61
N ASN A 272 34.68 5.39 27.99
CA ASN A 272 35.38 6.22 28.95
C ASN A 272 34.86 6.02 30.36
N THR A 273 33.56 6.07 30.56
CA THR A 273 33.05 6.06 31.90
C THR A 273 32.74 4.59 32.36
N ARG A 274 32.53 3.70 31.40
CA ARG A 274 32.16 2.30 31.61
C ARG A 274 30.68 2.05 31.92
N GLU A 275 29.90 3.12 31.93
CA GLU A 275 28.48 3.08 32.34
C GLU A 275 27.70 2.38 31.24
N ASP A 276 26.60 1.75 31.63
CA ASP A 276 25.70 1.07 30.68
C ASP A 276 25.18 2.12 29.64
N LEU A 277 25.02 1.70 28.43
CA LEU A 277 24.46 2.51 27.35
C LEU A 277 23.36 1.70 26.68
N PRO A 278 22.28 2.38 26.31
CA PRO A 278 21.34 1.76 25.31
C PRO A 278 21.89 1.73 23.87
N TYR A 279 21.19 0.98 23.04
CA TYR A 279 21.52 0.85 21.67
C TYR A 279 21.36 2.21 20.95
N HIS A 280 20.29 3.00 21.28
CA HIS A 280 20.00 4.27 20.60
C HIS A 280 20.09 5.42 21.58
N TYR A 281 20.54 6.58 21.10
CA TYR A 281 20.57 7.76 21.92
C TYR A 281 19.19 8.22 22.35
N TYR A 282 18.15 7.85 21.59
CA TYR A 282 16.79 8.24 21.91
C TYR A 282 16.07 7.24 22.76
N ASP A 283 16.71 6.14 23.13
CA ASP A 283 16.08 5.19 24.05
C ASP A 283 15.89 5.85 25.40
N LYS A 284 14.85 5.49 26.12
CA LYS A 284 14.68 6.06 27.50
C LYS A 284 15.81 5.60 28.40
N LYS A 285 16.17 6.45 29.34
CA LYS A 285 17.23 6.18 30.28
C LYS A 285 16.90 4.84 30.90
N GLY A 286 17.91 3.97 31.03
CA GLY A 286 17.76 2.68 31.68
C GLY A 286 17.45 1.55 30.73
N THR A 287 17.12 1.85 29.49
CA THR A 287 16.92 0.80 28.53
C THR A 287 18.18 -0.03 28.36
N LYS A 288 18.03 -1.36 28.44
CA LYS A 288 19.18 -2.24 28.26
C LYS A 288 19.55 -2.38 26.81
N PHE A 289 20.85 -2.50 26.55
CA PHE A 289 21.36 -2.63 25.24
C PHE A 289 20.89 -3.94 24.63
N THR A 290 20.30 -3.89 23.45
CA THR A 290 19.99 -5.15 22.74
C THR A 290 20.07 -4.89 21.27
N THR A 291 20.37 -5.92 20.50
CA THR A 291 20.36 -5.84 19.03
C THR A 291 19.35 -6.86 18.48
N LYS A 292 18.41 -6.42 17.63
CA LYS A 292 17.45 -7.28 16.93
C LYS A 292 18.00 -7.63 15.54
N GLU A 295 22.50 -10.12 14.30
CA GLU A 295 21.44 -9.34 13.68
C GLU A 295 21.36 -9.83 12.17
N SER A 296 21.25 -8.91 11.21
CA SER A 296 21.71 -9.05 9.79
C SER A 296 23.07 -8.32 9.56
N HIS A 297 23.46 -7.55 10.59
CA HIS A 297 24.65 -6.69 10.55
C HIS A 297 25.79 -7.24 11.39
N GLN A 298 26.99 -7.01 10.94
CA GLN A 298 28.11 -7.22 11.83
C GLN A 298 28.56 -5.84 12.28
N LEU A 299 27.80 -5.14 13.14
CA LEU A 299 28.22 -3.82 13.56
C LEU A 299 29.56 -3.78 14.23
N PRO A 300 29.86 -4.72 15.17
CA PRO A 300 31.20 -4.66 15.69
C PRO A 300 32.31 -4.77 14.61
N ALA A 301 32.12 -5.61 13.60
CA ALA A 301 33.06 -5.69 12.49
C ALA A 301 33.15 -4.36 11.70
N GLU A 302 32.00 -3.68 11.49
CA GLU A 302 32.04 -2.39 10.87
C GLU A 302 32.81 -1.41 11.70
N PHE A 303 32.49 -1.37 12.99
CA PHE A 303 33.13 -0.45 13.91
C PHE A 303 34.65 -0.64 13.93
N GLN A 304 35.12 -1.86 14.00
CA GLN A 304 36.55 -2.17 14.03
C GLN A 304 37.26 -1.58 12.80
N LEU A 305 36.65 -1.73 11.62
CA LEU A 305 37.24 -1.18 10.43
C LEU A 305 37.21 0.34 10.46
N LEU A 306 36.10 0.96 10.85
CA LEU A 306 36.02 2.42 10.97
C LEU A 306 37.04 2.97 11.98
N TYR A 307 37.27 2.21 13.04
CA TYR A 307 38.17 2.61 14.07
C TYR A 307 39.58 2.52 13.55
N ARG A 308 39.88 1.50 12.76
CA ARG A 308 41.19 1.43 12.06
C ARG A 308 41.36 2.65 11.14
N MET A 309 40.31 2.95 10.39
CA MET A 309 40.33 4.13 9.51
C MET A 309 40.58 5.44 10.29
N HIS A 310 39.99 5.58 11.48
CA HIS A 310 40.19 6.72 12.38
C HIS A 310 41.68 6.83 12.71
N GLY A 311 42.24 5.71 13.08
CA GLY A 311 43.67 5.65 13.45
C GLY A 311 44.57 6.05 12.29
N GLU A 312 44.19 5.71 11.06
CA GLU A 312 44.90 6.08 9.82
C GLU A 312 44.64 7.52 9.37
N GLY A 313 43.77 8.23 10.07
CA GLY A 313 43.44 9.61 9.75
C GLY A 313 42.46 9.81 8.62
N LEU A 314 41.77 8.77 8.21
CA LEU A 314 40.85 8.85 7.05
C LEU A 314 39.59 9.59 7.44
N THR A 315 39.20 9.49 8.69
CA THR A 315 37.93 10.00 9.21
C THR A 315 38.07 10.10 10.72
N LYS A 316 37.29 10.96 11.33
CA LYS A 316 37.30 11.15 12.79
C LYS A 316 36.07 10.51 13.45
N LEU A 317 36.30 9.47 14.23
CA LEU A 317 35.25 8.78 15.00
C LEU A 317 35.20 9.38 16.36
N THR A 318 34.14 10.08 16.72
CA THR A 318 33.99 10.68 18.03
C THR A 318 33.37 9.66 18.99
N LEU A 319 34.06 9.46 20.10
CA LEU A 319 33.61 8.52 21.12
C LEU A 319 33.55 9.16 22.54
N SER A 320 33.56 10.46 22.68
CA SER A 320 33.58 11.13 23.97
C SER A 320 32.64 12.34 23.90
N HIS A 321 32.40 12.97 25.04
CA HIS A 321 31.71 14.25 25.08
C HIS A 321 32.40 15.24 24.22
N CYS A 322 31.64 16.10 23.55
CA CYS A 322 32.19 17.18 22.79
C CYS A 322 32.48 18.37 23.70
N ALA A 323 33.47 19.16 23.29
CA ALA A 323 33.95 20.29 24.09
C ALA A 323 33.19 21.55 23.70
N SER B 31 -47.53 -25.32 -4.84
CA SER B 31 -47.87 -24.76 -6.18
C SER B 31 -46.97 -23.56 -6.45
N LYS B 32 -46.67 -23.38 -7.73
CA LYS B 32 -45.43 -22.83 -8.15
C LYS B 32 -45.40 -21.34 -7.71
N TRP B 33 -44.18 -20.87 -7.53
CA TRP B 33 -43.94 -19.45 -7.38
C TRP B 33 -44.45 -18.84 -8.66
N LYS B 34 -45.14 -17.73 -8.56
CA LYS B 34 -45.48 -16.96 -9.77
C LYS B 34 -45.10 -15.49 -9.68
N PHE B 35 -44.46 -15.01 -10.73
CA PHE B 35 -43.94 -13.63 -10.73
C PHE B 35 -45.12 -12.68 -10.65
N ASN B 36 -45.05 -11.67 -9.80
CA ASN B 36 -46.08 -10.64 -9.79
C ASN B 36 -45.45 -9.37 -10.38
N ARG B 37 -45.57 -9.22 -11.71
CA ARG B 37 -44.92 -8.13 -12.42
C ARG B 37 -45.38 -6.73 -11.97
N THR B 38 -46.67 -6.60 -11.65
CA THR B 38 -47.18 -5.32 -11.12
C THR B 38 -46.58 -4.92 -9.81
N ALA B 39 -46.48 -5.87 -8.90
CA ALA B 39 -45.91 -5.57 -7.62
C ALA B 39 -44.38 -5.24 -7.80
N PHE B 40 -43.72 -5.92 -8.73
CA PHE B 40 -42.27 -5.68 -8.93
C PHE B 40 -42.06 -4.29 -9.53
N LEU B 41 -42.91 -3.93 -10.48
CA LEU B 41 -42.82 -2.60 -11.06
C LEU B 41 -43.06 -1.48 -10.03
N HIS B 42 -43.95 -1.70 -9.07
CA HIS B 42 -44.13 -0.80 -7.95
C HIS B 42 -42.85 -0.71 -7.07
N GLN B 43 -42.26 -1.87 -6.78
CA GLN B 43 -41.00 -1.90 -6.03
C GLN B 43 -39.91 -1.14 -6.76
N ARG B 44 -39.71 -1.42 -8.04
CA ARG B 44 -38.70 -0.69 -8.82
C ARG B 44 -38.90 0.81 -8.67
N GLN B 45 -40.15 1.28 -8.80
CA GLN B 45 -40.44 2.71 -8.76
C GLN B 45 -40.11 3.24 -7.37
N GLU B 46 -40.42 2.48 -6.31
CA GLU B 46 -40.12 2.94 -4.94
C GLU B 46 -38.64 3.05 -4.72
N ILE B 47 -37.90 2.09 -5.23
CA ILE B 47 -36.45 2.13 -5.11
C ILE B 47 -35.94 3.38 -5.80
N LEU B 48 -36.38 3.62 -7.01
CA LEU B 48 -35.87 4.78 -7.80
C LEU B 48 -36.23 6.10 -7.11
N GLN B 49 -37.44 6.19 -6.54
CA GLN B 49 -37.80 7.36 -5.78
C GLN B 49 -36.96 7.59 -4.53
N HIS B 50 -36.28 6.60 -4.01
CA HIS B 50 -35.41 6.79 -2.86
C HIS B 50 -33.92 6.81 -3.17
N VAL B 51 -33.50 6.15 -4.26
CA VAL B 51 -32.09 5.96 -4.61
C VAL B 51 -31.88 6.19 -6.11
N ASP B 52 -30.89 7.00 -6.47
CA ASP B 52 -30.53 7.18 -7.88
C ASP B 52 -29.56 6.08 -8.30
N VAL B 53 -30.14 4.97 -8.74
CA VAL B 53 -29.34 3.74 -8.90
C VAL B 53 -28.29 3.91 -9.98
N ILE B 54 -28.69 4.54 -11.06
CA ILE B 54 -27.73 4.68 -12.22
C ILE B 54 -26.54 5.48 -11.82
N LYS B 55 -26.75 6.57 -11.08
CA LYS B 55 -25.69 7.42 -10.56
C LYS B 55 -24.92 6.67 -9.46
N ASN B 56 -25.63 6.14 -8.47
CA ASN B 56 -24.90 5.48 -7.34
C ASN B 56 -24.10 4.28 -7.80
N PHE B 57 -24.44 3.70 -8.93
CA PHE B 57 -23.70 2.56 -9.43
C PHE B 57 -22.18 2.71 -9.50
N SER B 58 -21.73 3.88 -9.88
CA SER B 58 -20.30 4.13 -10.01
C SER B 58 -20.04 5.62 -9.98
N LEU B 59 -18.93 5.98 -9.35
CA LEU B 59 -18.32 7.29 -9.59
C LEU B 59 -17.93 7.33 -11.07
N THR B 60 -17.89 8.53 -11.59
CA THR B 60 -17.46 8.80 -12.92
C THR B 60 -16.35 9.79 -12.90
N LYS B 61 -15.65 9.88 -14.02
CA LYS B 61 -14.47 10.78 -14.09
C LYS B 61 -14.76 12.14 -13.68
N ASN B 62 -15.89 12.66 -14.14
CA ASN B 62 -16.18 14.05 -13.87
C ASN B 62 -16.88 14.24 -12.53
N SER B 63 -17.25 13.18 -11.80
CA SER B 63 -17.84 13.36 -10.50
C SER B 63 -16.86 13.43 -9.32
N VAL B 64 -15.58 13.25 -9.60
CA VAL B 64 -14.57 13.42 -8.56
C VAL B 64 -13.54 14.43 -9.06
N ARG B 65 -12.79 15.00 -8.16
CA ARG B 65 -11.68 15.88 -8.45
C ARG B 65 -10.40 15.25 -7.92
N ILE B 66 -9.34 15.46 -8.65
CA ILE B 66 -8.04 15.01 -8.18
C ILE B 66 -7.75 15.65 -6.84
N GLY B 67 -7.29 14.87 -5.87
CA GLY B 67 -7.04 15.41 -4.52
C GLY B 67 -8.22 15.48 -3.57
N GLN B 68 -9.42 15.13 -4.05
CA GLN B 68 -10.60 15.07 -3.21
C GLN B 68 -10.37 13.97 -2.16
N LEU B 69 -10.77 14.23 -0.92
CA LEU B 69 -10.67 13.23 0.15
C LEU B 69 -11.95 12.47 0.26
N MET B 70 -11.91 11.18 0.04
CA MET B 70 -13.06 10.30 0.24
C MET B 70 -13.04 9.84 1.65
N HIS B 71 -14.23 9.64 2.23
CA HIS B 71 -14.42 8.97 3.52
C HIS B 71 -15.05 7.64 3.29
N TYR B 72 -15.24 6.85 4.34
CA TYR B 72 -15.68 5.48 4.24
C TYR B 72 -17.07 5.31 4.83
N ASP B 73 -17.98 4.59 4.16
CA ASP B 73 -19.38 4.48 4.63
C ASP B 73 -19.46 3.82 6.00
N TYR B 74 -18.61 2.82 6.23
CA TYR B 74 -18.73 2.02 7.46
C TYR B 74 -17.59 2.11 8.42
N SER B 75 -16.78 3.16 8.36
CA SER B 75 -15.70 3.35 9.31
C SER B 75 -15.85 4.80 9.85
N SER B 76 -15.10 5.13 10.91
CA SER B 76 -15.04 6.49 11.41
C SER B 76 -14.74 7.48 10.35
N HIS B 77 -15.21 8.70 10.56
CA HIS B 77 -14.89 9.79 9.66
C HIS B 77 -13.40 10.18 9.51
N LYS B 78 -12.58 9.87 10.52
CA LYS B 78 -11.19 10.23 10.51
C LYS B 78 -10.38 9.54 9.29
N TYR B 79 -10.84 8.38 8.82
CA TYR B 79 -10.21 7.65 7.69
C TYR B 79 -10.55 8.37 6.39
N VAL B 80 -9.52 8.65 5.60
CA VAL B 80 -9.66 9.31 4.34
C VAL B 80 -8.76 8.64 3.29
N PHE B 81 -9.13 8.87 2.04
CA PHE B 81 -8.37 8.37 0.90
C PHE B 81 -8.41 9.47 -0.12
N SER B 82 -7.27 9.93 -0.55
CA SER B 82 -7.15 10.97 -1.56
C SER B 82 -7.24 10.40 -3.00
N ILE B 83 -8.13 10.96 -3.81
CA ILE B 83 -8.30 10.54 -5.20
C ILE B 83 -7.15 11.01 -6.05
N SER B 84 -6.42 10.10 -6.66
CA SER B 84 -5.33 10.42 -7.54
C SER B 84 -5.77 10.56 -8.95
N ASN B 85 -4.87 11.15 -9.73
CA ASN B 85 -5.01 11.12 -11.20
C ASN B 85 -5.24 9.72 -11.77
N ASN B 86 -4.50 8.77 -11.27
CA ASN B 86 -4.57 7.41 -11.73
C ASN B 86 -5.91 6.75 -11.36
N PHE B 87 -6.42 7.00 -10.16
CA PHE B 87 -7.71 6.44 -9.72
C PHE B 87 -8.80 7.01 -10.66
N ARG B 88 -8.80 8.33 -10.78
CA ARG B 88 -9.77 9.01 -11.66
C ARG B 88 -9.73 8.41 -13.08
N SER B 89 -8.55 8.13 -13.62
CA SER B 89 -8.38 7.58 -14.96
C SER B 89 -9.04 6.21 -15.18
N LEU B 90 -9.32 5.48 -14.11
CA LEU B 90 -9.97 4.18 -14.16
C LEU B 90 -11.50 4.27 -14.03
N LEU B 91 -12.04 5.47 -13.75
CA LEU B 91 -13.46 5.65 -13.61
C LEU B 91 -14.10 5.69 -14.96
N PRO B 92 -15.32 5.12 -15.08
CA PRO B 92 -16.01 5.33 -16.37
C PRO B 92 -16.41 6.77 -16.65
N ASP B 93 -16.55 7.11 -17.94
CA ASP B 93 -17.04 8.44 -18.34
C ASP B 93 -18.51 8.58 -18.05
N VAL B 94 -19.21 7.50 -18.28
CA VAL B 94 -20.68 7.45 -18.07
C VAL B 94 -21.04 6.18 -17.33
N SER B 95 -22.03 6.25 -16.45
CA SER B 95 -22.48 5.08 -15.73
C SER B 95 -22.65 3.88 -16.66
N PRO B 96 -21.93 2.79 -16.40
CA PRO B 96 -22.03 1.66 -17.31
C PRO B 96 -23.43 1.03 -17.47
N ILE B 97 -24.35 1.28 -16.53
CA ILE B 97 -25.66 0.70 -16.62
C ILE B 97 -26.69 1.71 -17.14
N MET B 98 -26.23 2.85 -17.58
CA MET B 98 -27.18 3.86 -18.14
C MET B 98 -27.87 3.32 -19.36
N ASN B 99 -29.19 3.43 -19.41
CA ASN B 99 -29.98 2.97 -20.50
C ASN B 99 -29.81 1.48 -20.81
N LYS B 100 -29.47 0.68 -19.82
CA LYS B 100 -29.40 -0.78 -20.02
C LYS B 100 -30.63 -1.44 -19.42
N HIS B 101 -31.18 -2.41 -20.12
CA HIS B 101 -32.39 -3.09 -19.71
C HIS B 101 -32.28 -4.57 -20.12
N TYR B 102 -32.43 -5.46 -19.18
CA TYR B 102 -32.29 -6.91 -19.45
C TYR B 102 -33.58 -7.54 -18.97
N ASN B 103 -33.97 -8.68 -19.50
CA ASN B 103 -35.24 -9.25 -19.11
C ASN B 103 -35.07 -10.06 -17.81
N ILE B 104 -34.45 -11.24 -17.89
CA ILE B 104 -34.29 -12.14 -16.73
C ILE B 104 -32.86 -11.98 -16.18
N CYS B 105 -32.76 -11.50 -14.93
CA CYS B 105 -31.51 -11.39 -14.19
C CYS B 105 -31.36 -12.45 -13.11
N ALA B 106 -30.19 -13.07 -13.02
CA ALA B 106 -29.87 -13.87 -11.87
C ALA B 106 -28.92 -13.07 -10.96
N VAL B 107 -29.18 -13.08 -9.66
CA VAL B 107 -28.25 -12.58 -8.67
C VAL B 107 -27.82 -13.80 -7.87
N VAL B 108 -26.53 -14.08 -7.91
CA VAL B 108 -26.00 -15.29 -7.31
C VAL B 108 -25.13 -14.92 -6.08
N GLY B 109 -25.68 -15.18 -4.91
CA GLY B 109 -25.00 -15.19 -3.68
C GLY B 109 -24.13 -16.41 -3.54
N ASN B 110 -23.33 -16.44 -2.47
CA ASN B 110 -22.26 -17.48 -2.40
C ASN B 110 -22.52 -18.58 -1.42
N SER B 111 -23.76 -18.72 -0.96
CA SER B 111 -24.10 -19.80 -0.06
C SER B 111 -23.76 -21.22 -0.54
N GLY B 112 -23.35 -22.06 0.42
CA GLY B 112 -23.25 -23.50 0.20
C GLY B 112 -24.52 -24.20 -0.24
N ILE B 113 -25.66 -23.51 -0.17
CA ILE B 113 -26.91 -24.14 -0.60
C ILE B 113 -26.81 -24.45 -2.10
N LEU B 114 -25.96 -23.73 -2.87
CA LEU B 114 -25.78 -24.08 -4.25
C LEU B 114 -25.12 -25.41 -4.56
N THR B 115 -24.36 -25.96 -3.63
CA THR B 115 -23.65 -27.22 -3.88
C THR B 115 -24.60 -28.34 -4.12
N GLY B 116 -24.43 -29.03 -5.24
CA GLY B 116 -25.34 -30.13 -5.63
C GLY B 116 -26.68 -29.66 -6.20
N SER B 117 -26.91 -28.35 -6.31
CA SER B 117 -28.22 -27.87 -6.74
C SER B 117 -28.45 -28.09 -8.24
N GLN B 118 -27.36 -28.14 -9.00
CA GLN B 118 -27.41 -28.25 -10.46
C GLN B 118 -28.14 -27.10 -11.10
N CYS B 119 -27.99 -25.93 -10.49
CA CYS B 119 -28.64 -24.72 -10.99
C CYS B 119 -27.89 -24.01 -12.10
N GLY B 120 -26.72 -24.54 -12.53
CA GLY B 120 -25.86 -23.84 -13.50
C GLY B 120 -26.52 -23.54 -14.83
N GLN B 121 -27.21 -24.52 -15.37
CA GLN B 121 -27.87 -24.28 -16.63
C GLN B 121 -28.98 -23.20 -16.52
N GLU B 122 -29.73 -23.23 -15.43
CA GLU B 122 -30.84 -22.31 -15.28
C GLU B 122 -30.31 -20.90 -15.03
N ILE B 123 -29.27 -20.80 -14.22
CA ILE B 123 -28.60 -19.49 -14.01
C ILE B 123 -28.11 -18.93 -15.32
N ASP B 124 -27.43 -19.76 -16.09
CA ASP B 124 -26.82 -19.29 -17.34
C ASP B 124 -27.81 -18.99 -18.44
N LYS B 125 -29.04 -19.45 -18.31
CA LYS B 125 -30.11 -19.07 -19.24
C LYS B 125 -30.60 -17.66 -19.01
N SER B 126 -30.28 -17.05 -17.88
CA SER B 126 -30.61 -15.65 -17.63
C SER B 126 -30.00 -14.74 -18.67
N ASP B 127 -30.64 -13.61 -18.87
CA ASP B 127 -30.05 -12.60 -19.70
C ASP B 127 -28.82 -11.94 -19.10
N PHE B 128 -28.79 -11.79 -17.80
CA PHE B 128 -27.69 -11.05 -17.17
C PHE B 128 -27.49 -11.69 -15.76
N VAL B 129 -26.27 -12.01 -15.41
CA VAL B 129 -25.93 -12.67 -14.15
C VAL B 129 -24.99 -11.78 -13.35
N PHE B 130 -25.40 -11.49 -12.11
CA PHE B 130 -24.63 -10.77 -11.16
C PHE B 130 -24.04 -11.83 -10.24
N ARG B 131 -22.73 -11.77 -10.00
CA ARG B 131 -22.08 -12.54 -8.93
C ARG B 131 -21.40 -11.64 -7.88
N CYS B 132 -21.02 -12.24 -6.79
CA CYS B 132 -20.53 -11.56 -5.60
C CYS B 132 -19.08 -11.95 -5.30
N ASN B 133 -18.27 -10.91 -5.06
CA ASN B 133 -16.89 -11.07 -4.53
C ASN B 133 -16.02 -11.97 -5.35
N PHE B 134 -16.14 -11.86 -6.67
CA PHE B 134 -15.22 -12.54 -7.57
C PHE B 134 -15.24 -14.04 -7.38
N ALA B 135 -16.39 -14.56 -7.03
CA ALA B 135 -16.49 -15.97 -6.63
C ALA B 135 -16.12 -16.86 -7.83
N PRO B 136 -15.48 -17.99 -7.58
CA PRO B 136 -15.06 -18.87 -8.64
C PRO B 136 -16.26 -19.60 -9.25
N THR B 137 -16.21 -19.82 -10.57
CA THR B 137 -17.21 -20.60 -11.28
C THR B 137 -16.72 -21.86 -11.97
N GLU B 138 -15.42 -21.91 -12.25
CA GLU B 138 -14.96 -22.91 -13.22
C GLU B 138 -15.19 -24.35 -12.72
N ALA B 139 -14.71 -24.61 -11.52
CA ALA B 139 -14.88 -25.93 -10.93
C ALA B 139 -16.28 -26.15 -10.33
N PHE B 140 -17.20 -25.20 -10.51
CA PHE B 140 -18.52 -25.30 -9.84
C PHE B 140 -19.65 -25.05 -10.81
N GLN B 141 -19.37 -25.06 -12.13
CA GLN B 141 -20.29 -24.50 -13.10
C GLN B 141 -21.57 -25.30 -13.16
N ARG B 142 -21.53 -26.60 -12.86
CA ARG B 142 -22.77 -27.38 -12.88
C ARG B 142 -23.77 -26.84 -11.88
N ASP B 143 -23.28 -26.34 -10.75
CA ASP B 143 -24.14 -25.79 -9.71
C ASP B 143 -24.39 -24.29 -9.87
N VAL B 144 -23.38 -23.48 -10.29
CA VAL B 144 -23.50 -22.04 -10.22
C VAL B 144 -23.45 -21.35 -11.57
N GLY B 145 -23.19 -22.10 -12.63
CA GLY B 145 -23.08 -21.57 -13.97
C GLY B 145 -21.72 -20.97 -14.29
N ARG B 146 -21.52 -20.58 -15.56
CA ARG B 146 -20.32 -19.87 -15.97
C ARG B 146 -20.60 -18.48 -16.55
N LYS B 147 -21.85 -18.09 -16.73
CA LYS B 147 -22.12 -16.77 -17.24
C LYS B 147 -21.90 -15.71 -16.13
N THR B 148 -21.16 -14.64 -16.43
CA THR B 148 -20.98 -13.54 -15.51
C THR B 148 -21.01 -12.24 -16.29
N ASN B 149 -21.95 -11.36 -15.94
CA ASN B 149 -22.01 -10.02 -16.55
C ASN B 149 -21.56 -8.91 -15.61
N LEU B 150 -21.65 -9.17 -14.31
CA LEU B 150 -21.10 -8.29 -13.31
C LEU B 150 -20.61 -9.19 -12.16
N THR B 151 -19.44 -8.87 -11.58
CA THR B 151 -19.04 -9.50 -10.32
C THR B 151 -18.48 -8.39 -9.44
N THR B 152 -18.73 -8.46 -8.16
CA THR B 152 -18.21 -7.47 -7.23
C THR B 152 -16.80 -7.88 -6.81
N PHE B 153 -16.04 -6.91 -6.31
CA PHE B 153 -14.70 -7.16 -5.90
C PHE B 153 -14.31 -6.25 -4.75
N ASN B 154 -14.35 -6.78 -3.54
CA ASN B 154 -13.72 -6.04 -2.41
C ASN B 154 -12.21 -6.03 -2.64
N PRO B 155 -11.57 -4.86 -2.58
CA PRO B 155 -10.13 -4.85 -2.79
C PRO B 155 -9.32 -5.82 -1.96
N SER B 156 -9.81 -6.17 -0.78
CA SER B 156 -9.08 -7.09 0.06
C SER B 156 -8.88 -8.49 -0.52
N ILE B 157 -9.62 -8.80 -1.59
CA ILE B 157 -9.37 -10.00 -2.38
C ILE B 157 -7.91 -10.09 -2.78
N LEU B 158 -7.26 -8.95 -3.10
CA LEU B 158 -5.89 -9.03 -3.47
C LEU B 158 -5.02 -9.58 -2.38
N GLU B 159 -5.30 -9.16 -1.14
CA GLU B 159 -4.60 -9.62 0.07
C GLU B 159 -4.79 -11.06 0.30
N LYS B 160 -6.01 -11.49 0.20
CA LYS B 160 -6.40 -12.78 0.64
C LYS B 160 -6.00 -13.83 -0.42
N TYR B 161 -6.21 -13.56 -1.69
CA TYR B 161 -5.99 -14.59 -2.71
C TYR B 161 -4.86 -14.30 -3.68
N TYR B 162 -4.33 -13.06 -3.75
CA TYR B 162 -3.32 -12.74 -4.76
C TYR B 162 -2.08 -12.14 -4.15
N ASN B 163 -1.86 -12.36 -2.86
CA ASN B 163 -0.59 -12.04 -2.23
C ASN B 163 -0.14 -10.58 -2.50
N ASN B 164 -1.11 -9.66 -2.52
CA ASN B 164 -0.87 -8.24 -2.78
C ASN B 164 -0.14 -7.97 -4.07
N LEU B 165 -0.23 -8.87 -5.03
CA LEU B 165 0.48 -8.69 -6.30
C LEU B 165 1.96 -8.44 -6.15
N LEU B 166 2.55 -9.17 -5.23
CA LEU B 166 3.96 -9.02 -4.84
C LEU B 166 4.92 -9.70 -5.78
N THR B 167 4.49 -10.78 -6.44
CA THR B 167 5.38 -11.55 -7.31
C THR B 167 4.86 -11.62 -8.73
N ILE B 168 5.73 -11.98 -9.65
CA ILE B 168 5.33 -12.11 -11.04
C ILE B 168 4.18 -13.09 -11.16
N GLN B 169 4.30 -14.21 -10.43
CA GLN B 169 3.27 -15.28 -10.45
C GLN B 169 1.91 -14.76 -9.98
N ASP B 170 1.92 -14.01 -8.88
CA ASP B 170 0.66 -13.37 -8.40
C ASP B 170 0.03 -12.40 -9.41
N ARG B 171 0.85 -11.54 -9.98
CA ARG B 171 0.43 -10.59 -11.03
C ARG B 171 -0.16 -11.37 -12.25
N ASN B 172 0.52 -12.44 -12.65
CA ASN B 172 0.03 -13.26 -13.76
CA ASN B 172 0.02 -13.29 -13.72
C ASN B 172 -1.32 -13.95 -13.41
N ASN B 173 -1.40 -14.51 -12.23
CA ASN B 173 -2.64 -15.14 -11.80
C ASN B 173 -3.79 -14.16 -11.76
N PHE B 174 -3.58 -12.95 -11.23
CA PHE B 174 -4.66 -11.94 -11.19
C PHE B 174 -5.01 -11.52 -12.58
N PHE B 175 -4.00 -11.31 -13.45
CA PHE B 175 -4.26 -10.95 -14.82
C PHE B 175 -5.13 -11.99 -15.53
N LEU B 176 -4.78 -13.26 -15.38
CA LEU B 176 -5.53 -14.35 -16.01
C LEU B 176 -6.98 -14.41 -15.48
N SER B 177 -7.16 -14.22 -14.19
CA SER B 177 -8.53 -14.15 -13.58
C SER B 177 -9.34 -13.06 -14.21
N LEU B 178 -8.73 -11.92 -14.46
CA LEU B 178 -9.42 -10.80 -15.05
C LEU B 178 -9.75 -11.06 -16.47
N LYS B 179 -8.79 -11.63 -17.20
CA LYS B 179 -9.05 -11.94 -18.59
C LYS B 179 -10.26 -12.86 -18.82
N LYS B 180 -10.42 -13.84 -17.94
CA LYS B 180 -11.58 -14.75 -18.03
C LYS B 180 -12.92 -14.09 -17.85
N LEU B 181 -12.98 -12.90 -17.29
CA LEU B 181 -14.24 -12.17 -17.16
C LEU B 181 -14.64 -11.54 -18.48
N ASP B 182 -13.74 -11.50 -19.45
CA ASP B 182 -14.04 -10.90 -20.74
C ASP B 182 -14.59 -9.46 -20.50
N GLY B 183 -15.72 -9.12 -21.08
CA GLY B 183 -16.27 -7.76 -21.03
C GLY B 183 -17.21 -7.51 -19.88
N ALA B 184 -17.25 -8.38 -18.88
CA ALA B 184 -18.12 -8.16 -17.72
C ALA B 184 -17.72 -6.91 -16.90
N ILE B 185 -18.67 -6.39 -16.11
CA ILE B 185 -18.35 -5.35 -15.15
C ILE B 185 -17.71 -5.91 -13.90
N LEU B 186 -16.64 -5.28 -13.47
CA LEU B 186 -16.02 -5.53 -12.18
C LEU B 186 -16.35 -4.36 -11.27
N TRP B 187 -17.18 -4.62 -10.25
CA TRP B 187 -17.80 -3.56 -9.44
C TRP B 187 -17.07 -3.54 -8.12
N ILE B 188 -16.22 -2.53 -7.94
CA ILE B 188 -15.19 -2.54 -6.89
C ILE B 188 -15.54 -1.48 -5.85
N PRO B 189 -16.04 -1.90 -4.66
CA PRO B 189 -16.38 -0.87 -3.69
C PRO B 189 -15.21 -0.62 -2.78
N ALA B 190 -14.54 0.46 -3.02
CA ALA B 190 -13.33 0.78 -2.29
C ALA B 190 -13.58 1.70 -1.12
N PHE B 191 -14.79 2.22 -0.93
CA PHE B 191 -15.04 3.27 0.03
C PHE B 191 -16.11 2.84 1.05
N PHE B 192 -16.25 1.56 1.23
CA PHE B 192 -17.10 1.05 2.36
C PHE B 192 -16.28 0.86 3.68
N PHE B 193 -15.14 0.17 3.62
CA PHE B 193 -14.36 -0.19 4.79
C PHE B 193 -12.99 0.42 4.67
N HIS B 194 -12.54 1.13 5.69
CA HIS B 194 -11.21 1.79 5.67
C HIS B 194 -10.06 0.81 5.47
N THR B 195 -10.28 -0.45 5.83
CA THR B 195 -9.30 -1.47 5.59
C THR B 195 -9.02 -1.70 4.09
N SER B 196 -9.82 -1.14 3.18
CA SER B 196 -9.53 -1.21 1.74
C SER B 196 -8.39 -0.26 1.29
N ALA B 197 -8.05 0.75 2.07
CA ALA B 197 -7.23 1.84 1.60
C ALA B 197 -5.87 1.45 0.98
N THR B 198 -5.07 0.72 1.70
CA THR B 198 -3.73 0.49 1.17
C THR B 198 -3.74 -0.40 -0.04
N VAL B 199 -4.58 -1.44 -0.01
CA VAL B 199 -4.66 -2.35 -1.15
C VAL B 199 -5.29 -1.71 -2.38
N THR B 200 -6.15 -0.72 -2.20
CA THR B 200 -6.72 -0.01 -3.31
C THR B 200 -5.63 0.62 -4.16
N ARG B 201 -4.53 1.13 -3.56
CA ARG B 201 -3.51 1.73 -4.39
C ARG B 201 -2.85 0.66 -5.23
N THR B 202 -2.67 -0.54 -4.65
CA THR B 202 -2.07 -1.67 -5.40
C THR B 202 -2.91 -2.08 -6.61
N LEU B 203 -4.22 -2.15 -6.38
CA LEU B 203 -5.16 -2.46 -7.41
C LEU B 203 -5.18 -1.37 -8.52
N VAL B 204 -5.23 -0.08 -8.14
CA VAL B 204 -5.24 1.00 -9.09
C VAL B 204 -3.97 0.93 -9.94
N ASP B 205 -2.81 0.79 -9.27
CA ASP B 205 -1.57 0.74 -10.02
C ASP B 205 -1.54 -0.41 -10.98
N PHE B 206 -2.05 -1.57 -10.56
CA PHE B 206 -2.15 -2.74 -11.49
C PHE B 206 -2.95 -2.44 -12.71
N PHE B 207 -4.12 -1.86 -12.50
CA PHE B 207 -4.96 -1.58 -13.65
C PHE B 207 -4.36 -0.51 -14.58
N VAL B 208 -3.73 0.52 -14.02
CA VAL B 208 -3.11 1.56 -14.84
C VAL B 208 -1.98 0.94 -15.66
N GLU B 209 -1.23 0.08 -15.03
CA GLU B 209 -0.06 -0.57 -15.70
C GLU B 209 -0.54 -1.40 -16.86
N HIS B 210 -1.72 -2.02 -16.73
CA HIS B 210 -2.29 -2.89 -17.77
C HIS B 210 -3.38 -2.22 -18.62
N ARG B 211 -3.43 -0.88 -18.63
CA ARG B 211 -4.48 -0.15 -19.33
C ARG B 211 -4.58 -0.64 -20.79
N GLY B 212 -5.78 -0.95 -21.22
CA GLY B 212 -5.99 -1.37 -22.60
C GLY B 212 -5.71 -2.83 -22.87
N GLN B 213 -5.18 -3.59 -21.90
CA GLN B 213 -4.94 -5.00 -22.12
C GLN B 213 -6.15 -5.89 -21.71
N LEU B 214 -7.11 -5.36 -20.97
CA LEU B 214 -8.26 -6.18 -20.51
C LEU B 214 -9.55 -5.56 -20.98
N LYS B 215 -10.55 -6.37 -21.26
CA LYS B 215 -11.83 -5.89 -21.73
C LYS B 215 -12.79 -5.65 -20.57
N VAL B 216 -12.39 -5.96 -19.36
CA VAL B 216 -13.26 -5.84 -18.21
C VAL B 216 -13.68 -4.37 -18.10
N GLN B 217 -14.92 -4.15 -17.74
CA GLN B 217 -15.39 -2.81 -17.52
C GLN B 217 -15.35 -2.48 -16.01
N LEU B 218 -14.56 -1.48 -15.59
CA LEU B 218 -14.44 -1.16 -14.21
C LEU B 218 -15.56 -0.24 -13.76
N ALA B 219 -16.12 -0.53 -12.58
CA ALA B 219 -17.06 0.36 -11.91
C ALA B 219 -16.65 0.50 -10.42
N TRP B 220 -16.80 1.70 -9.89
CA TRP B 220 -16.30 2.10 -8.58
C TRP B 220 -17.35 2.92 -7.87
N PRO B 221 -18.23 2.23 -7.13
CA PRO B 221 -19.20 2.98 -6.34
C PRO B 221 -18.56 3.80 -5.24
N GLY B 222 -19.11 4.95 -4.97
CA GLY B 222 -18.67 5.83 -3.90
C GLY B 222 -19.43 5.60 -2.63
N ASN B 223 -19.72 6.70 -1.90
CA ASN B 223 -20.43 6.61 -0.63
C ASN B 223 -21.93 6.47 -0.80
N ILE B 224 -22.38 5.29 -1.07
CA ILE B 224 -23.76 5.11 -1.43
C ILE B 224 -24.58 4.46 -0.38
N MET B 225 -23.97 3.90 0.69
CA MET B 225 -24.80 3.00 1.52
C MET B 225 -25.90 3.74 2.27
N GLN B 226 -25.67 4.97 2.67
CA GLN B 226 -26.68 5.77 3.37
C GLN B 226 -27.91 5.98 2.41
N HIS B 227 -27.65 6.08 1.12
CA HIS B 227 -28.71 6.33 0.13
C HIS B 227 -29.50 5.07 -0.18
N VAL B 228 -28.78 3.96 -0.39
CA VAL B 228 -29.39 2.67 -0.56
C VAL B 228 -30.18 2.31 0.68
N ASN B 229 -29.62 2.57 1.82
CA ASN B 229 -30.27 2.27 3.04
C ASN B 229 -31.67 2.81 3.16
N ARG B 230 -31.92 3.98 2.58
CA ARG B 230 -33.19 4.66 2.78
C ARG B 230 -34.39 3.90 2.25
N TYR B 231 -34.25 3.27 1.09
CA TYR B 231 -35.31 2.32 0.69
C TYR B 231 -35.48 1.20 1.74
N TRP B 232 -34.38 0.55 2.15
CA TRP B 232 -34.54 -0.68 2.94
C TRP B 232 -34.96 -0.43 4.36
N LYS B 233 -34.59 0.74 4.89
CA LYS B 233 -35.04 1.18 6.23
C LYS B 233 -36.57 1.18 6.30
N ASN B 234 -37.24 1.63 5.23
CA ASN B 234 -38.71 1.66 5.20
C ASN B 234 -39.35 0.30 5.13
N LYS B 235 -38.59 -0.70 4.68
CA LYS B 235 -39.01 -2.09 4.72
C LYS B 235 -38.62 -2.79 6.00
N HIS B 236 -38.21 -2.02 7.00
CA HIS B 236 -37.87 -2.49 8.34
C HIS B 236 -36.71 -3.46 8.36
N LEU B 237 -35.78 -3.20 7.45
CA LEU B 237 -34.49 -3.83 7.44
C LEU B 237 -33.47 -2.76 7.78
N SER B 238 -32.82 -3.04 8.90
CA SER B 238 -32.32 -2.06 9.80
C SER B 238 -30.95 -2.50 10.33
N PRO B 239 -30.12 -3.23 9.52
CA PRO B 239 -28.79 -3.52 10.05
C PRO B 239 -27.92 -2.24 10.07
N LYS B 240 -26.77 -2.34 10.72
CA LYS B 240 -25.76 -1.30 10.53
C LYS B 240 -25.32 -1.28 9.05
N ARG B 241 -25.09 -2.48 8.48
CA ARG B 241 -24.56 -2.63 7.12
C ARG B 241 -25.36 -3.63 6.29
N LEU B 242 -25.82 -3.21 5.12
CA LEU B 242 -26.46 -4.11 4.16
C LEU B 242 -25.41 -4.97 3.45
N SER B 243 -25.75 -6.22 3.13
CA SER B 243 -24.82 -7.13 2.45
C SER B 243 -24.67 -6.84 0.96
N THR B 244 -23.56 -7.35 0.41
CA THR B 244 -23.38 -7.30 -1.04
C THR B 244 -24.58 -7.87 -1.81
N GLY B 245 -25.14 -8.98 -1.34
CA GLY B 245 -26.28 -9.56 -2.04
C GLY B 245 -27.48 -8.64 -2.19
N ILE B 246 -27.83 -7.94 -1.11
CA ILE B 246 -29.00 -7.07 -1.19
C ILE B 246 -28.73 -5.71 -1.91
N LEU B 247 -27.46 -5.29 -1.86
CA LEU B 247 -27.02 -4.24 -2.69
C LEU B 247 -27.18 -4.61 -4.17
N MET B 248 -26.85 -5.86 -4.53
CA MET B 248 -26.97 -6.31 -5.91
C MET B 248 -28.44 -6.34 -6.31
N TYR B 249 -29.35 -6.78 -5.41
CA TYR B 249 -30.77 -6.72 -5.71
C TYR B 249 -31.21 -5.32 -6.05
N THR B 250 -30.78 -4.37 -5.24
CA THR B 250 -31.08 -2.96 -5.50
C THR B 250 -30.67 -2.47 -6.87
N LEU B 251 -29.42 -2.79 -7.26
CA LEU B 251 -28.96 -2.43 -8.57
C LEU B 251 -29.77 -3.11 -9.66
N ALA B 252 -29.96 -4.39 -9.51
CA ALA B 252 -30.70 -5.20 -10.43
C ALA B 252 -32.11 -4.67 -10.67
N SER B 253 -32.72 -4.07 -9.67
CA SER B 253 -34.10 -3.60 -9.84
C SER B 253 -34.20 -2.56 -10.93
N ALA B 254 -33.14 -1.80 -11.14
CA ALA B 254 -33.15 -0.74 -12.15
C ALA B 254 -33.02 -1.26 -13.53
N ILE B 255 -32.33 -2.38 -13.72
CA ILE B 255 -31.98 -2.81 -15.08
C ILE B 255 -32.57 -4.18 -15.51
N CYS B 256 -33.37 -4.83 -14.64
CA CYS B 256 -33.91 -6.12 -14.87
C CYS B 256 -35.42 -6.07 -14.86
N GLU B 257 -36.05 -6.85 -15.71
CA GLU B 257 -37.50 -7.03 -15.62
C GLU B 257 -37.97 -7.98 -14.55
N GLU B 258 -37.11 -8.92 -14.23
CA GLU B 258 -37.45 -10.00 -13.31
C GLU B 258 -36.15 -10.54 -12.72
N ILE B 259 -36.12 -10.62 -11.39
CA ILE B 259 -34.94 -11.01 -10.67
C ILE B 259 -35.10 -12.38 -10.03
N HIS B 260 -34.14 -13.27 -10.30
CA HIS B 260 -34.10 -14.58 -9.65
C HIS B 260 -32.86 -14.70 -8.81
N LEU B 261 -33.02 -15.06 -7.54
CA LEU B 261 -31.93 -15.12 -6.58
C LEU B 261 -31.49 -16.56 -6.34
N TYR B 262 -30.18 -16.78 -6.22
CA TYR B 262 -29.62 -18.09 -5.96
C TYR B 262 -28.55 -17.85 -4.93
N GLY B 263 -28.26 -18.85 -4.09
CA GLY B 263 -27.15 -18.73 -3.19
C GLY B 263 -27.35 -17.76 -2.03
N PHE B 264 -28.58 -17.43 -1.70
CA PHE B 264 -28.90 -16.64 -0.54
C PHE B 264 -29.45 -17.61 0.50
N TRP B 265 -28.66 -17.89 1.54
CA TRP B 265 -29.07 -18.82 2.62
C TRP B 265 -27.89 -18.69 3.64
N PRO B 266 -28.01 -17.77 4.59
CA PRO B 266 -26.95 -17.40 5.50
C PRO B 266 -26.84 -18.27 6.71
N PHE B 267 -26.82 -19.59 6.50
CA PHE B 267 -26.82 -20.55 7.61
C PHE B 267 -25.89 -21.67 7.24
N GLY B 268 -25.34 -22.28 8.29
CA GLY B 268 -24.36 -23.34 8.16
C GLY B 268 -25.00 -24.72 8.15
N PHE B 269 -26.28 -24.76 7.77
CA PHE B 269 -27.06 -25.96 7.94
C PHE B 269 -28.05 -26.01 6.82
N ASP B 270 -28.30 -27.21 6.36
CA ASP B 270 -29.21 -27.37 5.25
C ASP B 270 -30.65 -27.04 5.63
N PRO B 271 -31.39 -26.31 4.76
CA PRO B 271 -32.76 -25.95 5.15
C PRO B 271 -33.69 -27.10 5.44
N ASN B 272 -33.53 -28.24 4.76
CA ASN B 272 -34.42 -29.38 4.88
C ASN B 272 -33.93 -30.48 5.87
N THR B 273 -32.64 -30.76 5.82
CA THR B 273 -32.01 -31.85 6.51
C THR B 273 -31.37 -31.38 7.84
N ARG B 274 -31.05 -30.09 7.93
CA ARG B 274 -30.18 -29.55 9.03
C ARG B 274 -28.76 -30.16 9.22
N GLU B 275 -28.30 -30.89 8.22
CA GLU B 275 -26.90 -31.37 8.15
C GLU B 275 -26.03 -30.16 7.84
N ASP B 276 -24.77 -30.23 8.26
CA ASP B 276 -23.84 -29.13 8.01
C ASP B 276 -23.78 -28.81 6.55
N LEU B 277 -23.68 -27.51 6.28
CA LEU B 277 -23.53 -26.97 4.96
C LEU B 277 -22.43 -25.96 5.09
N PRO B 278 -21.49 -25.96 4.17
CA PRO B 278 -20.51 -24.84 4.21
C PRO B 278 -21.12 -23.50 3.92
N TYR B 279 -20.53 -22.44 4.50
CA TYR B 279 -21.07 -21.10 4.36
C TYR B 279 -20.98 -20.67 2.90
N HIS B 280 -19.93 -21.12 2.17
CA HIS B 280 -19.77 -20.84 0.74
C HIS B 280 -19.74 -22.12 -0.08
N TYR B 281 -20.30 -22.08 -1.26
CA TYR B 281 -20.25 -23.21 -2.15
C TYR B 281 -18.83 -23.64 -2.52
N TYR B 282 -17.88 -22.69 -2.52
CA TYR B 282 -16.50 -22.98 -2.91
C TYR B 282 -15.59 -23.29 -1.73
N ASP B 283 -16.12 -23.33 -0.51
CA ASP B 283 -15.38 -23.88 0.63
C ASP B 283 -15.33 -25.42 0.38
N GLN B 298 -27.21 -9.51 10.82
CA GLN B 298 -27.72 -8.75 9.69
C GLN B 298 -28.29 -9.74 8.60
N LEU B 299 -27.53 -10.77 8.21
CA LEU B 299 -27.92 -11.63 7.09
C LEU B 299 -29.19 -12.38 7.32
N PRO B 300 -29.40 -12.93 8.54
CA PRO B 300 -30.70 -13.60 8.70
C PRO B 300 -31.88 -12.64 8.47
N ALA B 301 -31.75 -11.40 8.94
CA ALA B 301 -32.80 -10.41 8.71
C ALA B 301 -32.98 -10.09 7.19
N GLU B 302 -31.88 -10.01 6.46
CA GLU B 302 -31.96 -9.84 5.03
C GLU B 302 -32.65 -11.04 4.36
N PHE B 303 -32.22 -12.24 4.72
CA PHE B 303 -32.86 -13.45 4.21
C PHE B 303 -34.38 -13.45 4.47
N GLN B 304 -34.80 -13.15 5.69
CA GLN B 304 -36.24 -13.09 6.06
C GLN B 304 -37.02 -12.16 5.10
N LEU B 305 -36.47 -10.99 4.85
CA LEU B 305 -37.17 -10.05 3.95
C LEU B 305 -37.19 -10.54 2.47
N LEU B 306 -36.07 -11.06 1.99
CA LEU B 306 -36.05 -11.66 0.66
C LEU B 306 -37.06 -12.84 0.50
N TYR B 307 -37.20 -13.62 1.58
CA TYR B 307 -38.21 -14.69 1.61
C TYR B 307 -39.64 -14.08 1.56
N ARG B 308 -39.89 -13.02 2.31
CA ARG B 308 -41.20 -12.36 2.26
C ARG B 308 -41.46 -11.86 0.80
N MET B 309 -40.44 -11.30 0.18
CA MET B 309 -40.60 -10.74 -1.19
C MET B 309 -40.86 -11.83 -2.19
N HIS B 310 -40.24 -13.00 -1.97
CA HIS B 310 -40.49 -14.20 -2.79
C HIS B 310 -41.96 -14.54 -2.71
N GLY B 311 -42.45 -14.56 -1.46
CA GLY B 311 -43.90 -14.92 -1.21
C GLY B 311 -44.87 -13.96 -1.85
N GLU B 312 -44.46 -12.68 -1.94
CA GLU B 312 -45.23 -11.63 -2.65
C GLU B 312 -45.07 -11.63 -4.19
N GLY B 313 -44.25 -12.53 -4.73
CA GLY B 313 -44.00 -12.63 -6.15
C GLY B 313 -43.10 -11.54 -6.72
N LEU B 314 -42.36 -10.82 -5.84
CA LEU B 314 -41.50 -9.72 -6.31
C LEU B 314 -40.27 -10.27 -6.97
N THR B 315 -39.82 -11.42 -6.49
CA THR B 315 -38.56 -12.06 -6.91
C THR B 315 -38.67 -13.55 -6.62
N LYS B 316 -37.89 -14.37 -7.30
CA LYS B 316 -37.80 -15.81 -7.03
C LYS B 316 -36.55 -16.23 -6.26
N LEU B 317 -36.69 -16.66 -5.01
CA LEU B 317 -35.58 -17.06 -4.15
C LEU B 317 -35.49 -18.57 -4.17
N THR B 318 -34.48 -19.12 -4.82
CA THR B 318 -34.33 -20.53 -5.06
C THR B 318 -33.55 -21.10 -3.89
N LEU B 319 -34.15 -22.11 -3.28
CA LEU B 319 -33.59 -22.81 -2.11
C LEU B 319 -33.51 -24.30 -2.31
N SER B 320 -33.62 -24.83 -3.52
CA SER B 320 -33.71 -26.26 -3.74
C SER B 320 -32.95 -26.55 -5.03
N HIS B 321 -32.78 -27.82 -5.34
CA HIS B 321 -32.20 -28.26 -6.61
C HIS B 321 -32.97 -27.71 -7.78
N CYS B 322 -32.29 -27.30 -8.84
CA CYS B 322 -32.93 -26.83 -10.05
C CYS B 322 -33.26 -28.07 -10.92
N ALA B 323 -34.28 -27.91 -11.77
CA ALA B 323 -34.70 -28.97 -12.71
C ALA B 323 -33.97 -28.77 -14.04
#